data_5NI5
#
_entry.id   5NI5
#
_cell.length_a   62.310
_cell.length_b   62.310
_cell.length_c   158.640
_cell.angle_alpha   90.00
_cell.angle_beta   90.00
_cell.angle_gamma   90.00
#
_symmetry.space_group_name_H-M   'P 41 21 2'
#
loop_
_entity.id
_entity.type
_entity.pdbx_description
1 polymer 'Nuclear receptor ROR-gamma'
2 polymer 'tethered SRC2-2 peptide'
3 non-polymer ~{N}-[4-(3-chlorophenyl)-5-(2-chlorophenyl)carbonyl-1,3-thiazol-2-yl]-2-(4-ethylsulfonylphenyl)ethanamide
4 non-polymer 'SODIUM ION'
5 water water
#
loop_
_entity_poly.entity_id
_entity_poly.type
_entity_poly.pdbx_seq_one_letter_code
_entity_poly.pdbx_strand_id
1 'polypeptide(L)'
;MHNHNHNHNHNHNGGENLYFQGASLTEIEHLVQSVCKSYRETCQLRLEDLLRQRSNIFSREEVTGYQRKSMWEMWERCAH
HLTEAIQYVVEFAKRLSGFMELCQNDQIVLLKAGAMEVVLVRMCRAYNADNRTVFFEGKYGGMELFRALGCSELISSIFD
FSHSLSALHFSEDEIALYTALVLINAHRPGLQEKRKVEQLQYNLELAFHHHLCKTHRQSILAKLPPKGKLRSLCSQHVER
LQIFQHLHPIVVQAAFPPLYKELFSGGSGGSGGKEKHKILHRLLQDSS
;
A
2 'polypeptide(L)' KEKHKILHRLLQDSS C
#
# COMPACT_ATOMS: atom_id res chain seq x y z
N GLU A 16 -5.28 -7.46 26.68
CA GLU A 16 -6.00 -6.84 25.57
C GLU A 16 -5.95 -7.67 24.30
N ASN A 17 -4.77 -8.22 23.96
CA ASN A 17 -4.58 -9.09 22.81
C ASN A 17 -3.40 -10.02 23.06
N LEU A 18 -3.55 -11.30 22.70
CA LEU A 18 -2.54 -12.35 22.84
C LEU A 18 -1.22 -11.93 22.18
N TYR A 19 -1.31 -11.28 21.02
CA TYR A 19 -0.16 -10.86 20.23
C TYR A 19 0.63 -9.67 20.77
N PHE A 20 0.24 -9.12 21.94
CA PHE A 20 0.96 -8.06 22.63
C PHE A 20 1.92 -8.68 23.67
N GLN A 21 1.92 -10.02 23.75
CA GLN A 21 2.80 -10.81 24.63
C GLN A 21 3.49 -11.90 23.80
N GLY A 22 4.37 -12.66 24.45
CA GLY A 22 5.07 -13.79 23.82
C GLY A 22 4.08 -14.86 23.39
N ALA A 23 4.15 -15.29 22.11
CA ALA A 23 3.22 -16.25 21.52
C ALA A 23 3.89 -17.57 21.16
N SER A 24 3.18 -18.69 21.39
CA SER A 24 3.64 -20.02 21.08
C SER A 24 3.60 -20.26 19.55
N LEU A 25 4.17 -21.40 19.11
CA LEU A 25 4.16 -21.80 17.72
C LEU A 25 2.73 -21.92 17.16
N THR A 26 1.81 -22.55 17.95
CA THR A 26 0.40 -22.74 17.56
C THR A 26 -0.30 -21.39 17.36
N GLU A 27 -0.04 -20.42 18.26
CA GLU A 27 -0.60 -19.07 18.16
C GLU A 27 0.01 -18.30 16.97
N ILE A 28 1.27 -18.61 16.59
CA ILE A 28 1.93 -17.99 15.43
C ILE A 28 1.26 -18.56 14.18
N GLU A 29 1.00 -19.90 14.18
CA GLU A 29 0.31 -20.57 13.06
C GLU A 29 -1.10 -20.00 12.85
N HIS A 30 -1.80 -19.65 13.94
CA HIS A 30 -3.11 -19.00 13.83
C HIS A 30 -2.93 -17.59 13.21
N LEU A 31 -1.92 -16.80 13.66
CA LEU A 31 -1.65 -15.43 13.16
C LEU A 31 -1.48 -15.43 11.66
N VAL A 32 -0.73 -16.42 11.13
CA VAL A 32 -0.59 -16.62 9.69
C VAL A 32 -1.96 -16.69 9.03
N GLN A 33 -2.84 -17.60 9.50
CA GLN A 33 -4.18 -17.77 8.92
C GLN A 33 -5.04 -16.52 9.01
N SER A 34 -5.00 -15.86 10.15
CA SER A 34 -5.76 -14.66 10.45
C SER A 34 -5.38 -13.48 9.49
N VAL A 35 -4.07 -13.23 9.33
CA VAL A 35 -3.52 -12.18 8.45
C VAL A 35 -3.91 -12.49 7.00
N CYS A 36 -3.73 -13.74 6.59
CA CYS A 36 -4.08 -14.15 5.22
C CYS A 36 -5.56 -14.01 4.94
N LYS A 37 -6.41 -14.23 5.96
CA LYS A 37 -7.87 -14.07 5.82
C LYS A 37 -8.22 -12.56 5.73
N SER A 38 -7.63 -11.73 6.59
CA SER A 38 -7.86 -10.28 6.63
C SER A 38 -7.54 -9.68 5.28
N TYR A 39 -6.46 -10.16 4.65
CA TYR A 39 -6.01 -9.71 3.36
C TYR A 39 -6.97 -10.13 2.24
N ARG A 40 -7.37 -11.41 2.17
CA ARG A 40 -8.30 -11.95 1.15
C ARG A 40 -9.60 -11.12 1.08
N GLU A 41 -10.15 -10.80 2.26
CA GLU A 41 -11.37 -10.00 2.45
C GLU A 41 -11.19 -8.49 2.13
N THR A 42 -9.95 -7.99 2.03
CA THR A 42 -9.74 -6.55 1.82
C THR A 42 -8.89 -6.25 0.60
N CYS A 43 -8.76 -7.23 -0.30
CA CYS A 43 -7.83 -7.04 -1.42
C CYS A 43 -8.12 -6.11 -2.61
N GLN A 44 -9.31 -5.52 -2.73
CA GLN A 44 -9.78 -4.61 -3.80
C GLN A 44 -9.98 -5.38 -5.07
N LEU A 45 -8.93 -5.91 -5.69
CA LEU A 45 -9.07 -6.71 -6.90
C LEU A 45 -8.48 -8.10 -6.70
N ARG A 46 -9.18 -9.15 -7.19
CA ARG A 46 -8.71 -10.52 -7.09
C ARG A 46 -7.51 -10.68 -8.05
N LEU A 47 -6.52 -11.51 -7.65
CA LEU A 47 -5.34 -11.74 -8.46
C LEU A 47 -5.69 -12.31 -9.82
N GLU A 48 -6.64 -13.26 -9.87
CA GLU A 48 -7.05 -13.88 -11.13
C GLU A 48 -7.68 -12.88 -12.10
N ASP A 49 -8.38 -11.84 -11.59
CA ASP A 49 -9.00 -10.80 -12.42
C ASP A 49 -7.90 -9.93 -13.03
N LEU A 50 -6.92 -9.51 -12.20
CA LEU A 50 -5.78 -8.73 -12.67
C LEU A 50 -4.98 -9.52 -13.73
N LEU A 51 -4.75 -10.82 -13.48
CA LEU A 51 -3.99 -11.66 -14.42
C LEU A 51 -4.70 -11.88 -15.77
N ARG A 52 -6.02 -12.13 -15.74
CA ARG A 52 -6.89 -12.35 -16.90
C ARG A 52 -6.90 -11.12 -17.85
N GLN A 53 -6.84 -9.92 -17.26
CA GLN A 53 -6.87 -8.67 -17.98
C GLN A 53 -5.55 -8.20 -18.55
N ARG A 54 -4.46 -8.98 -18.39
CA ARG A 54 -3.12 -8.64 -18.91
C ARG A 54 -3.08 -8.41 -20.44
N SER A 55 -3.94 -9.12 -21.18
CA SER A 55 -4.05 -9.00 -22.65
C SER A 55 -4.78 -7.71 -23.06
N ASN A 56 -5.49 -7.07 -22.11
CA ASN A 56 -6.25 -5.84 -22.33
C ASN A 56 -5.37 -4.60 -22.08
N ILE A 57 -4.63 -4.18 -23.12
CA ILE A 57 -3.69 -3.07 -23.09
C ILE A 57 -4.21 -1.81 -23.80
N PHE A 58 -3.91 -0.61 -23.25
CA PHE A 58 -4.31 0.66 -23.87
C PHE A 58 -3.68 0.80 -25.25
N SER A 59 -4.50 1.19 -26.25
CA SER A 59 -4.01 1.42 -27.61
C SER A 59 -3.19 2.71 -27.65
N ARG A 60 -2.45 2.93 -28.74
CA ARG A 60 -1.65 4.15 -28.97
C ARG A 60 -2.54 5.41 -28.87
N GLU A 61 -3.80 5.33 -29.39
CA GLU A 61 -4.78 6.41 -29.37
C GLU A 61 -5.20 6.73 -27.96
N GLU A 62 -5.48 5.67 -27.16
CA GLU A 62 -5.87 5.81 -25.76
C GLU A 62 -4.76 6.45 -24.94
N VAL A 63 -3.48 6.02 -25.16
CA VAL A 63 -2.30 6.54 -24.46
C VAL A 63 -2.16 8.04 -24.73
N THR A 64 -2.29 8.44 -26.01
CA THR A 64 -2.25 9.84 -26.46
C THR A 64 -3.33 10.67 -25.74
N GLY A 65 -4.52 10.09 -25.60
CA GLY A 65 -5.63 10.73 -24.87
C GLY A 65 -5.28 10.99 -23.41
N TYR A 66 -4.61 10.03 -22.74
CA TYR A 66 -4.21 10.23 -21.35
C TYR A 66 -3.13 11.31 -21.24
N GLN A 67 -2.22 11.35 -22.25
CA GLN A 67 -1.12 12.32 -22.32
C GLN A 67 -1.61 13.72 -22.57
N ARG A 68 -2.76 13.86 -23.23
CA ARG A 68 -3.39 15.13 -23.58
C ARG A 68 -4.24 15.71 -22.47
N LYS A 69 -4.54 14.93 -21.42
CA LYS A 69 -5.31 15.45 -20.28
C LYS A 69 -4.51 16.54 -19.57
N SER A 70 -5.21 17.50 -18.96
CA SER A 70 -4.53 18.56 -18.23
C SER A 70 -3.84 17.92 -17.02
N MET A 71 -2.81 18.62 -16.49
CA MET A 71 -2.07 18.12 -15.36
C MET A 71 -2.99 17.93 -14.19
N TRP A 72 -3.80 18.94 -13.89
CA TRP A 72 -4.72 18.93 -12.77
C TRP A 72 -5.76 17.80 -12.88
N GLU A 73 -6.30 17.52 -14.08
CA GLU A 73 -7.26 16.42 -14.26
C GLU A 73 -6.62 15.06 -13.99
N MET A 74 -5.35 14.87 -14.44
CA MET A 74 -4.67 13.62 -14.20
C MET A 74 -4.38 13.39 -12.70
N TRP A 75 -3.96 14.43 -12.00
CA TRP A 75 -3.69 14.41 -10.55
C TRP A 75 -4.94 14.04 -9.76
N GLU A 76 -6.08 14.61 -10.16
CA GLU A 76 -7.35 14.35 -9.50
C GLU A 76 -7.80 12.91 -9.67
N ARG A 77 -7.64 12.36 -10.90
CA ARG A 77 -7.97 10.97 -11.16
C ARG A 77 -7.06 10.04 -10.40
N CYS A 78 -5.77 10.38 -10.34
CA CYS A 78 -4.82 9.55 -9.59
C CYS A 78 -5.05 9.65 -8.10
N ALA A 79 -5.33 10.84 -7.56
CA ALA A 79 -5.65 11.00 -6.12
C ALA A 79 -6.90 10.18 -5.74
N HIS A 80 -7.88 10.13 -6.63
CA HIS A 80 -9.11 9.35 -6.42
C HIS A 80 -8.80 7.85 -6.39
N HIS A 81 -8.06 7.31 -7.40
CA HIS A 81 -7.73 5.90 -7.45
C HIS A 81 -6.92 5.49 -6.25
N LEU A 82 -5.91 6.31 -5.86
CA LEU A 82 -5.11 6.08 -4.65
C LEU A 82 -6.01 6.02 -3.41
N THR A 83 -6.96 6.96 -3.26
CA THR A 83 -7.88 7.03 -2.10
C THR A 83 -8.71 5.73 -2.00
N GLU A 84 -9.20 5.20 -3.13
CA GLU A 84 -9.97 3.95 -3.12
C GLU A 84 -9.08 2.78 -2.61
N ALA A 85 -7.81 2.65 -3.13
CA ALA A 85 -6.87 1.63 -2.69
C ALA A 85 -6.58 1.74 -1.18
N ILE A 86 -6.34 2.96 -0.71
CA ILE A 86 -6.08 3.27 0.71
C ILE A 86 -7.23 2.87 1.60
N GLN A 87 -8.47 3.06 1.13
CA GLN A 87 -9.65 2.69 1.90
C GLN A 87 -9.64 1.19 2.21
N TYR A 88 -9.21 0.37 1.24
CA TYR A 88 -9.09 -1.07 1.47
C TYR A 88 -7.94 -1.40 2.47
N VAL A 89 -6.87 -0.57 2.50
CA VAL A 89 -5.76 -0.74 3.42
C VAL A 89 -6.23 -0.41 4.85
N VAL A 90 -7.07 0.64 5.00
CA VAL A 90 -7.67 0.96 6.29
C VAL A 90 -8.49 -0.26 6.83
N GLU A 91 -9.28 -0.88 5.93
CA GLU A 91 -10.09 -2.04 6.30
C GLU A 91 -9.22 -3.23 6.68
N PHE A 92 -8.11 -3.44 5.93
CA PHE A 92 -7.14 -4.49 6.21
C PHE A 92 -6.58 -4.25 7.63
N ALA A 93 -6.11 -3.02 7.94
CA ALA A 93 -5.57 -2.64 9.24
C ALA A 93 -6.58 -2.98 10.36
N LYS A 94 -7.84 -2.60 10.17
CA LYS A 94 -8.90 -2.86 11.16
C LYS A 94 -9.13 -4.34 11.43
N ARG A 95 -8.94 -5.18 10.42
CA ARG A 95 -9.14 -6.63 10.56
C ARG A 95 -7.90 -7.36 11.12
N LEU A 96 -6.75 -6.65 11.22
CA LEU A 96 -5.48 -7.18 11.71
C LEU A 96 -5.54 -7.38 13.21
N SER A 97 -5.20 -8.60 13.70
CA SER A 97 -5.19 -8.94 15.14
C SER A 97 -4.34 -7.97 15.90
N GLY A 98 -4.93 -7.38 16.93
CA GLY A 98 -4.24 -6.40 17.77
C GLY A 98 -4.31 -4.95 17.34
N PHE A 99 -4.63 -4.66 16.05
CA PHE A 99 -4.64 -3.25 15.61
C PHE A 99 -5.71 -2.40 16.30
N MET A 100 -6.94 -2.94 16.44
CA MET A 100 -8.03 -2.21 17.09
C MET A 100 -7.82 -2.04 18.60
N GLU A 101 -6.88 -2.82 19.16
CA GLU A 101 -6.54 -2.80 20.58
C GLU A 101 -5.53 -1.72 20.90
N LEU A 102 -4.86 -1.18 19.87
CA LEU A 102 -3.93 -0.05 20.03
C LEU A 102 -4.79 1.19 20.24
N CYS A 103 -4.23 2.25 20.82
CA CYS A 103 -5.00 3.48 21.02
C CYS A 103 -5.19 4.20 19.68
N GLN A 104 -6.18 5.10 19.63
CA GLN A 104 -6.52 5.92 18.45
C GLN A 104 -5.32 6.72 17.89
N ASN A 105 -4.48 7.30 18.78
CA ASN A 105 -3.30 8.04 18.35
C ASN A 105 -2.43 7.11 17.51
N ASP A 106 -2.09 5.93 18.05
CA ASP A 106 -1.23 4.95 17.39
C ASP A 106 -1.79 4.37 16.09
N GLN A 107 -3.11 4.11 16.02
CA GLN A 107 -3.75 3.60 14.80
C GLN A 107 -3.58 4.66 13.67
N ILE A 108 -3.80 5.93 14.01
CA ILE A 108 -3.62 7.04 13.08
C ILE A 108 -2.16 7.16 12.64
N VAL A 109 -1.22 7.20 13.62
CA VAL A 109 0.22 7.24 13.36
C VAL A 109 0.62 6.16 12.35
N LEU A 110 0.20 4.89 12.61
CA LEU A 110 0.54 3.75 11.76
C LEU A 110 0.01 3.86 10.38
N LEU A 111 -1.29 4.23 10.25
CA LEU A 111 -1.95 4.39 8.96
C LEU A 111 -1.40 5.56 8.15
N LYS A 112 -1.14 6.70 8.78
CA LYS A 112 -0.53 7.85 8.10
C LYS A 112 0.84 7.52 7.50
N ALA A 113 1.70 6.83 8.25
CA ALA A 113 3.03 6.48 7.73
C ALA A 113 3.05 5.26 6.80
N GLY A 114 2.12 4.32 6.99
CA GLY A 114 2.16 3.05 6.27
C GLY A 114 1.15 2.79 5.19
N ALA A 115 -0.01 3.53 5.16
CA ALA A 115 -1.03 3.22 4.16
C ALA A 115 -0.53 3.27 2.71
N MET A 116 0.19 4.32 2.32
CA MET A 116 0.78 4.47 1.00
C MET A 116 1.80 3.36 0.71
N GLU A 117 2.63 3.00 1.68
CA GLU A 117 3.63 1.95 1.57
C GLU A 117 2.93 0.63 1.25
N VAL A 118 1.80 0.33 1.93
CA VAL A 118 1.01 -0.89 1.68
C VAL A 118 0.46 -0.89 0.25
N VAL A 119 -0.07 0.28 -0.18
CA VAL A 119 -0.61 0.42 -1.54
C VAL A 119 0.52 0.15 -2.56
N LEU A 120 1.71 0.71 -2.33
CA LEU A 120 2.87 0.52 -3.20
C LEU A 120 3.27 -0.95 -3.31
N VAL A 121 3.20 -1.69 -2.19
CA VAL A 121 3.47 -3.11 -2.21
C VAL A 121 2.36 -3.86 -2.97
N ARG A 122 1.06 -3.58 -2.66
CA ARG A 122 -0.10 -4.27 -3.30
C ARG A 122 -0.08 -4.08 -4.84
N MET A 123 0.44 -2.95 -5.32
CA MET A 123 0.51 -2.58 -6.72
C MET A 123 1.32 -3.57 -7.59
N CYS A 124 2.31 -4.31 -7.01
CA CYS A 124 3.07 -5.27 -7.79
C CYS A 124 2.18 -6.40 -8.38
N ARG A 125 0.98 -6.68 -7.77
CA ARG A 125 0.02 -7.67 -8.29
C ARG A 125 -0.61 -7.16 -9.60
N ALA A 126 -0.72 -5.82 -9.74
CA ALA A 126 -1.35 -5.17 -10.87
C ALA A 126 -0.29 -4.77 -11.90
N TYR A 127 0.98 -5.10 -11.63
CA TYR A 127 2.06 -4.75 -12.54
C TYR A 127 2.49 -5.96 -13.34
N ASN A 128 2.58 -5.81 -14.65
CA ASN A 128 2.99 -6.89 -15.55
C ASN A 128 4.45 -6.66 -15.98
N ALA A 129 5.40 -7.39 -15.38
CA ALA A 129 6.83 -7.26 -15.68
C ALA A 129 7.22 -7.67 -17.14
N ASP A 130 6.40 -8.53 -17.81
CA ASP A 130 6.65 -8.94 -19.22
C ASP A 130 6.68 -7.76 -20.19
N ASN A 131 5.77 -6.76 -20.01
CA ASN A 131 5.72 -5.61 -20.92
C ASN A 131 5.78 -4.28 -20.17
N ARG A 132 6.07 -4.32 -18.85
CA ARG A 132 6.24 -3.15 -17.98
C ARG A 132 4.98 -2.26 -17.96
N THR A 133 3.81 -2.92 -17.81
CA THR A 133 2.54 -2.20 -17.76
C THR A 133 1.87 -2.41 -16.42
N VAL A 134 0.97 -1.47 -16.08
CA VAL A 134 0.21 -1.49 -14.84
C VAL A 134 -1.29 -1.35 -15.17
N PHE A 135 -2.13 -2.03 -14.40
CA PHE A 135 -3.58 -1.95 -14.52
C PHE A 135 -4.08 -0.60 -13.96
N PHE A 136 -4.60 0.24 -14.85
CA PHE A 136 -5.10 1.57 -14.50
C PHE A 136 -6.34 1.83 -15.33
N GLU A 137 -7.46 2.16 -14.65
CA GLU A 137 -8.74 2.51 -15.27
C GLU A 137 -9.23 1.50 -16.30
N GLY A 138 -9.24 0.23 -15.92
CA GLY A 138 -9.75 -0.82 -16.78
C GLY A 138 -8.79 -1.51 -17.72
N LYS A 139 -7.59 -0.95 -17.98
CA LYS A 139 -6.62 -1.61 -18.87
C LYS A 139 -5.18 -1.46 -18.38
N TYR A 140 -4.25 -2.14 -19.05
CA TYR A 140 -2.84 -2.06 -18.78
C TYR A 140 -2.19 -0.99 -19.64
N GLY A 141 -1.35 -0.18 -19.01
CA GLY A 141 -0.61 0.88 -19.67
C GLY A 141 0.75 1.09 -19.07
N GLY A 142 1.71 1.49 -19.93
CA GLY A 142 3.09 1.77 -19.54
C GLY A 142 3.18 3.08 -18.78
N MET A 143 4.40 3.47 -18.38
CA MET A 143 4.61 4.69 -17.63
C MET A 143 4.35 5.98 -18.40
N GLU A 144 4.38 5.90 -19.74
CA GLU A 144 4.11 7.02 -20.63
C GLU A 144 2.65 7.47 -20.52
N LEU A 145 1.80 6.61 -19.93
CA LEU A 145 0.37 6.93 -19.70
C LEU A 145 0.20 8.07 -18.67
N PHE A 146 1.17 8.22 -17.74
CA PHE A 146 1.09 9.19 -16.64
C PHE A 146 1.93 10.45 -16.89
N ARG A 147 2.35 10.65 -18.15
CA ARG A 147 3.22 11.78 -18.54
C ARG A 147 2.59 13.17 -18.22
N ALA A 148 1.26 13.29 -18.25
CA ALA A 148 0.59 14.59 -17.95
C ALA A 148 0.78 15.06 -16.49
N LEU A 149 1.09 14.12 -15.56
CA LEU A 149 1.33 14.44 -14.12
C LEU A 149 2.52 15.34 -13.90
N GLY A 150 3.50 15.26 -14.79
CA GLY A 150 4.74 16.02 -14.70
C GLY A 150 5.59 15.57 -13.50
N CYS A 151 5.59 14.26 -13.20
CA CYS A 151 6.45 13.72 -12.14
C CYS A 151 7.07 12.40 -12.62
N SER A 152 7.63 12.43 -13.85
CA SER A 152 8.26 11.29 -14.55
C SER A 152 9.24 10.46 -13.69
N GLU A 153 10.13 11.12 -12.90
CA GLU A 153 11.10 10.43 -12.04
C GLU A 153 10.38 9.61 -11.02
N LEU A 154 9.33 10.19 -10.36
CA LEU A 154 8.51 9.47 -9.36
C LEU A 154 7.86 8.27 -10.03
N ILE A 155 7.24 8.46 -11.22
CA ILE A 155 6.57 7.36 -11.94
C ILE A 155 7.55 6.26 -12.30
N SER A 156 8.73 6.64 -12.83
CA SER A 156 9.72 5.61 -13.19
C SER A 156 10.24 4.86 -11.96
N SER A 157 10.39 5.55 -10.82
CA SER A 157 10.82 4.94 -9.54
C SER A 157 9.76 3.97 -9.02
N ILE A 158 8.48 4.27 -9.21
CA ILE A 158 7.39 3.40 -8.81
C ILE A 158 7.33 2.17 -9.70
N PHE A 159 7.47 2.33 -11.02
CA PHE A 159 7.48 1.20 -11.95
C PHE A 159 8.66 0.26 -11.66
N ASP A 160 9.86 0.82 -11.36
CA ASP A 160 11.06 0.05 -11.03
C ASP A 160 10.86 -0.73 -9.71
N PHE A 161 10.19 -0.13 -8.73
CA PHE A 161 9.90 -0.80 -7.48
C PHE A 161 8.95 -2.00 -7.72
N SER A 162 7.88 -1.79 -8.49
CA SER A 162 6.90 -2.82 -8.82
C SER A 162 7.61 -3.92 -9.59
N HIS A 163 8.55 -3.54 -10.48
CA HIS A 163 9.35 -4.47 -11.27
C HIS A 163 10.21 -5.35 -10.38
N SER A 164 10.89 -4.74 -9.39
CA SER A 164 11.71 -5.51 -8.46
C SER A 164 10.84 -6.45 -7.59
N LEU A 165 9.66 -5.98 -7.12
CA LEU A 165 8.77 -6.84 -6.33
C LEU A 165 8.22 -8.01 -7.15
N SER A 166 7.90 -7.77 -8.45
CA SER A 166 7.42 -8.78 -9.37
C SER A 166 8.44 -9.94 -9.58
N ALA A 167 9.74 -9.60 -9.54
CA ALA A 167 10.82 -10.57 -9.71
C ALA A 167 10.87 -11.58 -8.56
N LEU A 168 10.22 -11.26 -7.42
CA LEU A 168 10.15 -12.13 -6.25
C LEU A 168 9.07 -13.19 -6.36
N HIS A 169 8.12 -13.02 -7.31
CA HIS A 169 7.01 -13.95 -7.55
C HIS A 169 6.25 -14.24 -6.25
N PHE A 170 5.84 -13.18 -5.57
CA PHE A 170 5.07 -13.28 -4.33
C PHE A 170 3.76 -13.99 -4.52
N SER A 171 3.39 -14.80 -3.56
CA SER A 171 2.06 -15.42 -3.51
C SER A 171 1.17 -14.37 -2.79
N GLU A 172 -0.14 -14.61 -2.78
CA GLU A 172 -1.08 -13.76 -2.08
C GLU A 172 -0.83 -13.79 -0.58
N ASP A 173 -0.53 -14.97 -0.03
CA ASP A 173 -0.24 -15.14 1.41
C ASP A 173 1.00 -14.35 1.85
N GLU A 174 2.02 -14.28 1.01
CA GLU A 174 3.27 -13.55 1.25
C GLU A 174 3.02 -12.05 1.29
N ILE A 175 2.22 -11.56 0.34
CA ILE A 175 1.86 -10.15 0.27
C ILE A 175 1.08 -9.79 1.51
N ALA A 176 0.16 -10.68 1.93
CA ALA A 176 -0.65 -10.45 3.12
C ALA A 176 0.25 -10.27 4.33
N LEU A 177 1.17 -11.21 4.56
CA LEU A 177 2.08 -11.20 5.70
C LEU A 177 3.13 -10.07 5.63
N TYR A 178 3.65 -9.80 4.44
CA TYR A 178 4.63 -8.75 4.28
C TYR A 178 3.96 -7.37 4.47
N THR A 179 2.71 -7.18 3.95
CA THR A 179 2.02 -5.88 4.16
C THR A 179 1.58 -5.66 5.58
N ALA A 180 1.25 -6.75 6.31
CA ALA A 180 0.90 -6.60 7.73
C ALA A 180 2.10 -5.98 8.47
N LEU A 181 3.31 -6.40 8.10
CA LEU A 181 4.56 -5.91 8.68
C LEU A 181 4.94 -4.51 8.24
N VAL A 182 4.66 -4.14 6.98
CA VAL A 182 4.90 -2.78 6.47
C VAL A 182 4.06 -1.82 7.36
N LEU A 183 2.84 -2.21 7.69
CA LEU A 183 1.94 -1.39 8.51
C LEU A 183 2.31 -1.38 10.00
N ILE A 184 2.49 -2.59 10.62
CA ILE A 184 2.81 -2.68 12.05
C ILE A 184 4.32 -2.54 12.22
N ASN A 185 4.75 -1.28 12.22
CA ASN A 185 6.15 -0.89 12.34
C ASN A 185 6.30 -0.06 13.61
N ALA A 186 6.96 -0.63 14.60
CA ALA A 186 7.14 0.01 15.91
C ALA A 186 8.09 1.22 15.92
N HIS A 187 8.76 1.48 14.79
CA HIS A 187 9.70 2.60 14.67
C HIS A 187 9.03 3.90 14.18
N ARG A 188 7.71 3.90 13.88
CA ARG A 188 7.06 5.13 13.43
C ARG A 188 7.11 6.21 14.48
N PRO A 189 7.66 7.41 14.19
CA PRO A 189 7.64 8.49 15.21
C PRO A 189 6.23 8.87 15.63
N GLY A 190 6.03 9.09 16.92
CA GLY A 190 4.73 9.50 17.45
C GLY A 190 3.90 8.42 18.11
N LEU A 191 4.41 7.18 18.09
CA LEU A 191 3.69 6.09 18.76
C LEU A 191 3.81 6.26 20.26
N GLN A 192 2.66 6.23 20.93
CA GLN A 192 2.60 6.35 22.38
C GLN A 192 2.90 5.01 23.06
N GLU A 193 2.28 3.92 22.57
CA GLU A 193 2.47 2.56 23.09
C GLU A 193 3.43 1.73 22.20
N LYS A 194 4.68 2.22 22.10
CA LYS A 194 5.75 1.64 21.31
C LYS A 194 6.03 0.16 21.64
N ARG A 195 6.02 -0.25 22.93
CA ARG A 195 6.32 -1.63 23.33
C ARG A 195 5.23 -2.60 22.91
N LYS A 196 3.98 -2.14 22.91
CA LYS A 196 2.82 -2.92 22.48
C LYS A 196 2.99 -3.18 20.96
N VAL A 197 3.34 -2.13 20.21
CA VAL A 197 3.55 -2.21 18.77
C VAL A 197 4.79 -3.09 18.47
N GLU A 198 5.87 -3.02 19.28
CA GLU A 198 7.09 -3.82 19.12
C GLU A 198 6.78 -5.31 19.25
N GLN A 199 5.95 -5.68 20.21
CA GLN A 199 5.56 -7.08 20.42
C GLN A 199 4.68 -7.59 19.28
N LEU A 200 3.71 -6.76 18.84
CA LEU A 200 2.84 -7.13 17.72
C LEU A 200 3.69 -7.28 16.46
N GLN A 201 4.65 -6.37 16.23
CA GLN A 201 5.56 -6.49 15.07
C GLN A 201 6.41 -7.80 15.14
N TYR A 202 6.95 -8.12 16.31
CA TYR A 202 7.73 -9.34 16.53
C TYR A 202 6.93 -10.58 16.17
N ASN A 203 5.68 -10.66 16.65
CA ASN A 203 4.80 -11.80 16.34
C ASN A 203 4.42 -11.87 14.87
N LEU A 204 4.23 -10.70 14.21
CA LEU A 204 3.96 -10.70 12.77
C LEU A 204 5.22 -11.09 11.99
N GLU A 205 6.41 -10.69 12.47
CA GLU A 205 7.71 -11.08 11.86
C GLU A 205 7.84 -12.64 11.90
N LEU A 206 7.58 -13.23 13.07
CA LEU A 206 7.57 -14.69 13.27
C LEU A 206 6.58 -15.39 12.33
N ALA A 207 5.38 -14.81 12.20
CA ALA A 207 4.35 -15.38 11.31
C ALA A 207 4.81 -15.38 9.85
N PHE A 208 5.43 -14.27 9.41
CA PHE A 208 5.87 -14.12 8.04
C PHE A 208 7.02 -15.12 7.80
N HIS A 209 8.03 -15.12 8.67
CA HIS A 209 9.20 -15.99 8.56
C HIS A 209 8.81 -17.46 8.73
N HIS A 210 7.81 -17.77 9.55
CA HIS A 210 7.30 -19.14 9.71
C HIS A 210 6.69 -19.64 8.39
N HIS A 211 5.87 -18.78 7.74
CA HIS A 211 5.23 -19.14 6.49
C HIS A 211 6.29 -19.37 5.39
N LEU A 212 7.31 -18.51 5.34
CA LEU A 212 8.39 -18.63 4.37
C LEU A 212 9.19 -19.92 4.62
N CYS A 213 9.41 -20.30 5.90
CA CYS A 213 10.17 -21.50 6.29
C CYS A 213 9.40 -22.73 5.78
N LYS A 214 8.10 -22.79 6.12
CA LYS A 214 7.12 -23.83 5.76
C LYS A 214 6.96 -24.01 4.25
N THR A 215 7.08 -22.93 3.49
CA THR A 215 6.93 -23.00 2.03
C THR A 215 8.28 -23.00 1.27
N HIS A 216 9.41 -23.09 1.99
CA HIS A 216 10.79 -23.10 1.41
C HIS A 216 11.04 -21.83 0.57
N ARG A 217 10.65 -20.68 1.14
CA ARG A 217 10.73 -19.38 0.51
C ARG A 217 11.59 -18.38 1.28
N GLN A 218 12.44 -18.87 2.22
CA GLN A 218 13.34 -18.02 3.00
C GLN A 218 14.35 -17.27 2.16
N SER A 219 14.67 -17.79 0.94
CA SER A 219 15.58 -17.12 -0.01
C SER A 219 15.10 -15.70 -0.40
N ILE A 220 13.79 -15.38 -0.26
CA ILE A 220 13.29 -14.03 -0.58
C ILE A 220 13.73 -12.99 0.45
N LEU A 221 13.98 -13.40 1.72
CA LEU A 221 14.37 -12.49 2.80
C LEU A 221 15.48 -11.54 2.42
N ALA A 222 16.55 -12.09 1.78
CA ALA A 222 17.70 -11.31 1.33
C ALA A 222 17.35 -10.37 0.18
N LYS A 223 16.28 -10.70 -0.59
CA LYS A 223 15.88 -9.94 -1.78
C LYS A 223 14.84 -8.86 -1.53
N LEU A 224 14.29 -8.80 -0.32
CA LEU A 224 13.26 -7.81 -0.02
C LEU A 224 13.83 -6.36 -0.07
N PRO A 225 13.05 -5.34 -0.47
CA PRO A 225 13.64 -3.99 -0.51
C PRO A 225 13.96 -3.43 0.88
N PRO A 226 15.00 -2.58 1.04
CA PRO A 226 15.26 -1.99 2.37
C PRO A 226 14.12 -1.03 2.75
N LYS A 227 13.83 -0.84 4.07
CA LYS A 227 12.73 0.07 4.55
C LYS A 227 12.85 1.51 4.01
N GLY A 228 14.10 1.92 3.82
CA GLY A 228 14.48 3.21 3.26
C GLY A 228 13.97 3.39 1.84
N LYS A 229 13.80 2.29 1.08
CA LYS A 229 13.27 2.36 -0.29
C LYS A 229 11.80 2.80 -0.25
N LEU A 230 10.95 2.16 0.59
CA LEU A 230 9.56 2.55 0.72
C LEU A 230 9.36 3.94 1.31
N ARG A 231 10.24 4.35 2.23
CA ARG A 231 10.22 5.69 2.81
C ARG A 231 10.55 6.74 1.73
N SER A 232 11.54 6.44 0.88
CA SER A 232 11.97 7.35 -0.20
C SER A 232 10.84 7.55 -1.21
N LEU A 233 10.11 6.46 -1.57
CA LEU A 233 9.00 6.54 -2.52
C LEU A 233 7.85 7.38 -1.95
N CYS A 234 7.54 7.23 -0.67
CA CYS A 234 6.52 8.01 0.01
C CYS A 234 6.87 9.48 0.15
N SER A 235 8.14 9.77 0.44
CA SER A 235 8.65 11.15 0.57
C SER A 235 8.61 11.83 -0.80
N GLN A 236 8.99 11.10 -1.87
CA GLN A 236 8.95 11.58 -3.24
C GLN A 236 7.49 11.95 -3.62
N HIS A 237 6.51 11.09 -3.30
CA HIS A 237 5.09 11.35 -3.55
C HIS A 237 4.64 12.65 -2.85
N VAL A 238 4.96 12.81 -1.55
CA VAL A 238 4.64 14.01 -0.79
C VAL A 238 5.33 15.26 -1.40
N GLU A 239 6.59 15.14 -1.85
CA GLU A 239 7.31 16.26 -2.50
C GLU A 239 6.61 16.67 -3.83
N ARG A 240 6.25 15.70 -4.69
CA ARG A 240 5.56 15.96 -5.94
C ARG A 240 4.17 16.58 -5.71
N LEU A 241 3.45 16.14 -4.64
CA LEU A 241 2.15 16.70 -4.26
C LEU A 241 2.33 18.15 -3.86
N GLN A 242 3.38 18.46 -3.09
CA GLN A 242 3.61 19.84 -2.68
C GLN A 242 3.88 20.78 -3.86
N ILE A 243 4.62 20.31 -4.88
CA ILE A 243 4.86 21.09 -6.09
C ILE A 243 3.50 21.35 -6.80
N PHE A 244 2.70 20.28 -7.04
CA PHE A 244 1.39 20.38 -7.67
C PHE A 244 0.49 21.34 -6.90
N GLN A 245 0.46 21.22 -5.54
CA GLN A 245 -0.37 22.04 -4.65
C GLN A 245 -0.08 23.52 -4.79
N HIS A 246 1.19 23.90 -4.95
CA HIS A 246 1.59 25.29 -5.13
C HIS A 246 1.07 25.84 -6.49
N LEU A 247 1.06 25.01 -7.56
CA LEU A 247 0.57 25.38 -8.88
C LEU A 247 -0.96 25.44 -9.00
N HIS A 248 -1.67 24.51 -8.34
CA HIS A 248 -3.12 24.43 -8.42
C HIS A 248 -3.71 24.29 -7.02
N PRO A 249 -3.56 25.31 -6.14
CA PRO A 249 -4.07 25.14 -4.75
C PRO A 249 -5.57 24.90 -4.61
N ILE A 250 -6.38 25.48 -5.54
CA ILE A 250 -7.84 25.32 -5.51
C ILE A 250 -8.25 23.93 -5.89
N VAL A 251 -7.55 23.32 -6.85
CA VAL A 251 -7.82 21.94 -7.28
C VAL A 251 -7.69 21.01 -6.11
N VAL A 252 -6.62 21.17 -5.29
CA VAL A 252 -6.39 20.33 -4.11
C VAL A 252 -7.52 20.56 -3.08
N GLN A 253 -7.76 21.81 -2.75
CA GLN A 253 -8.79 22.25 -1.81
C GLN A 253 -10.20 21.76 -2.19
N ALA A 254 -10.60 21.88 -3.46
CA ALA A 254 -11.93 21.61 -3.94
C ALA A 254 -12.21 20.24 -4.49
N ALA A 255 -11.20 19.60 -5.11
CA ALA A 255 -11.42 18.36 -5.82
C ALA A 255 -10.57 17.15 -5.42
N PHE A 256 -9.73 17.27 -4.41
CA PHE A 256 -8.96 16.12 -3.95
C PHE A 256 -9.76 15.46 -2.83
N PRO A 257 -9.80 14.11 -2.77
CA PRO A 257 -10.58 13.44 -1.71
C PRO A 257 -10.08 13.84 -0.32
N PRO A 258 -10.99 14.03 0.66
CA PRO A 258 -10.56 14.47 1.99
C PRO A 258 -9.58 13.53 2.68
N LEU A 259 -9.72 12.20 2.46
CA LEU A 259 -8.82 11.23 3.05
C LEU A 259 -7.40 11.41 2.50
N TYR A 260 -7.26 11.65 1.19
CA TYR A 260 -5.96 11.89 0.56
C TYR A 260 -5.29 13.13 1.22
N LYS A 261 -6.05 14.20 1.42
CA LYS A 261 -5.52 15.41 2.03
C LYS A 261 -5.10 15.21 3.51
N GLU A 262 -5.84 14.39 4.28
CA GLU A 262 -5.46 14.14 5.68
C GLU A 262 -4.14 13.38 5.73
N LEU A 263 -3.92 12.46 4.79
CA LEU A 263 -2.69 11.67 4.77
C LEU A 263 -1.48 12.36 4.15
N PHE A 264 -1.68 13.12 3.08
CA PHE A 264 -0.58 13.68 2.32
C PHE A 264 -0.34 15.19 2.34
N SER A 265 -1.34 15.99 2.68
CA SER A 265 -1.21 17.45 2.70
C SER A 265 -0.75 17.96 4.08
N LYS B 3 -6.95 17.46 12.52
CA LYS B 3 -8.37 17.14 12.36
C LYS B 3 -8.60 15.61 12.20
N HIS B 4 -7.95 15.00 11.17
CA HIS B 4 -8.06 13.57 10.80
C HIS B 4 -9.51 13.08 10.82
N LYS B 5 -10.46 13.98 10.51
CA LYS B 5 -11.89 13.72 10.53
C LYS B 5 -12.26 12.39 9.89
N ILE B 6 -11.87 12.18 8.61
CA ILE B 6 -12.19 10.98 7.84
C ILE B 6 -11.56 9.73 8.44
N LEU B 7 -10.27 9.81 8.77
CA LEU B 7 -9.55 8.69 9.36
C LEU B 7 -10.19 8.25 10.70
N HIS B 8 -10.55 9.22 11.57
CA HIS B 8 -11.24 8.96 12.84
C HIS B 8 -12.59 8.25 12.57
N ARG B 9 -13.36 8.77 11.59
CA ARG B 9 -14.65 8.21 11.19
C ARG B 9 -14.52 6.79 10.69
N LEU B 10 -13.54 6.54 9.79
CA LEU B 10 -13.31 5.19 9.25
C LEU B 10 -12.97 4.20 10.36
N LEU B 11 -12.16 4.62 11.34
CA LEU B 11 -11.74 3.76 12.44
C LEU B 11 -12.85 3.48 13.45
N GLN B 12 -13.81 4.40 13.62
CA GLN B 12 -14.90 4.26 14.56
C GLN B 12 -16.18 3.67 13.97
N ASP B 13 -16.24 3.48 12.64
CA ASP B 13 -17.42 2.90 11.96
C ASP B 13 -17.39 1.36 12.00
N SER B 14 -18.25 0.75 12.85
CA SER B 14 -18.35 -0.70 13.02
C SER B 14 -19.33 -1.36 12.04
#